data_1FSL
#
_entry.id   1FSL
#
_cell.length_a   52.690
_cell.length_b   56.550
_cell.length_c   57.800
_cell.angle_alpha   90.00
_cell.angle_beta   109.90
_cell.angle_gamma   90.00
#
_symmetry.space_group_name_H-M   'P 1 21 1'
#
loop_
_entity.id
_entity.type
_entity.pdbx_description
1 polymer 'LEGHEMOGLOBIN A'
2 non-polymer 'PROTOPORPHYRIN IX CONTAINING FE'
3 non-polymer 'NICOTINIC ACID'
4 water water
#
_entity_poly.entity_id   1
_entity_poly.type   'polypeptide(L)'
_entity_poly.pdbx_seq_one_letter_code
;VAFTEKQDALVSSSFEAFKANIPQYSVVFYTSILEKAPAAKDLFSFLANGVDPTNPKLTGHAEKLFALVRDSAGQLKASG
TVVADAALGSVHAQKAVTDPQFVVVKEALLKTIKAAVGDKWSDELSRAWEVAYDELAAAIKKA
;
_entity_poly.pdbx_strand_id   A,B
#
loop_
_chem_comp.id
_chem_comp.type
_chem_comp.name
_chem_comp.formula
HEM non-polymer 'PROTOPORPHYRIN IX CONTAINING FE' 'C34 H32 Fe N4 O4'
NIO non-polymer 'NICOTINIC ACID' 'C6 H5 N O2'
#
# COMPACT_ATOMS: atom_id res chain seq x y z
N VAL A 1 -8.84 -13.93 -4.34
CA VAL A 1 -8.77 -12.47 -4.09
C VAL A 1 -10.12 -11.82 -4.34
N ALA A 2 -10.37 -10.83 -3.49
CA ALA A 2 -11.61 -10.05 -3.51
C ALA A 2 -11.45 -8.78 -4.34
N PHE A 3 -11.96 -8.83 -5.54
CA PHE A 3 -11.92 -7.68 -6.47
C PHE A 3 -13.34 -7.49 -6.98
N THR A 4 -13.88 -6.29 -6.75
CA THR A 4 -15.27 -6.00 -7.08
C THR A 4 -15.43 -5.37 -8.46
N GLU A 5 -16.73 -5.39 -8.83
CA GLU A 5 -17.22 -4.82 -10.08
C GLU A 5 -16.92 -3.33 -10.14
N LYS A 6 -17.06 -2.71 -8.98
CA LYS A 6 -16.85 -1.26 -8.86
C LYS A 6 -15.36 -0.93 -8.92
N GLN A 7 -14.55 -1.84 -8.43
CA GLN A 7 -13.10 -1.65 -8.44
C GLN A 7 -12.60 -1.70 -9.88
N ASP A 8 -13.20 -2.62 -10.63
CA ASP A 8 -12.83 -2.84 -12.04
C ASP A 8 -13.27 -1.64 -12.89
N ALA A 9 -14.44 -1.15 -12.52
CA ALA A 9 -15.06 0.01 -13.19
C ALA A 9 -14.18 1.24 -13.04
N LEU A 10 -13.48 1.26 -11.92
CA LEU A 10 -12.54 2.34 -11.60
C LEU A 10 -11.26 2.18 -12.40
N VAL A 11 -10.74 0.96 -12.38
CA VAL A 11 -9.48 0.64 -13.08
C VAL A 11 -9.62 0.98 -14.57
N SER A 12 -10.78 0.60 -15.10
CA SER A 12 -11.11 0.78 -16.51
C SER A 12 -11.20 2.24 -16.94
N SER A 13 -11.87 3.02 -16.10
CA SER A 13 -12.14 4.44 -16.43
C SER A 13 -10.90 5.29 -16.29
N SER A 14 -10.02 4.88 -15.40
CA SER A 14 -8.75 5.61 -15.15
C SER A 14 -7.74 5.28 -16.25
N PHE A 15 -7.93 4.08 -16.79
CA PHE A 15 -7.09 3.56 -17.89
C PHE A 15 -7.42 4.30 -19.17
N GLU A 16 -8.70 4.55 -19.38
CA GLU A 16 -9.16 5.29 -20.57
C GLU A 16 -8.66 6.72 -20.49
N ALA A 17 -8.53 7.20 -19.26
CA ALA A 17 -8.00 8.55 -19.00
C ALA A 17 -6.56 8.60 -19.48
N PHE A 18 -5.86 7.53 -19.13
CA PHE A 18 -4.45 7.34 -19.51
C PHE A 18 -4.31 7.32 -21.03
N LYS A 19 -5.16 6.50 -21.65
CA LYS A 19 -5.16 6.31 -23.10
C LYS A 19 -5.53 7.56 -23.88
N ALA A 20 -6.03 8.54 -23.17
CA ALA A 20 -6.41 9.82 -23.81
C ALA A 20 -5.16 10.56 -24.25
N ASN A 21 -4.12 10.41 -23.44
CA ASN A 21 -2.84 11.09 -23.68
C ASN A 21 -1.67 10.30 -23.10
N ILE A 22 -1.40 9.19 -23.76
CA ILE A 22 -0.25 8.31 -23.40
C ILE A 22 1.06 9.05 -23.55
N PRO A 23 1.22 9.87 -24.54
CA PRO A 23 2.46 10.63 -24.77
C PRO A 23 2.82 11.46 -23.54
N GLN A 24 1.80 12.18 -23.07
CA GLN A 24 1.92 13.06 -21.90
C GLN A 24 2.21 12.29 -20.63
N TYR A 25 1.36 11.29 -20.41
CA TYR A 25 1.39 10.50 -19.16
C TYR A 25 2.51 9.50 -19.10
N SER A 26 3.07 9.08 -20.21
CA SER A 26 4.17 8.07 -20.18
C SER A 26 5.44 8.77 -19.67
N VAL A 27 5.52 10.04 -19.95
CA VAL A 27 6.67 10.87 -19.48
C VAL A 27 6.71 10.86 -17.96
N VAL A 28 5.52 11.01 -17.38
CA VAL A 28 5.36 10.97 -15.93
C VAL A 28 5.84 9.63 -15.39
N PHE A 29 5.45 8.58 -16.07
CA PHE A 29 5.78 7.20 -15.63
C PHE A 29 7.27 6.99 -15.57
N TYR A 30 8.00 7.31 -16.62
CA TYR A 30 9.47 7.07 -16.66
C TYR A 30 10.25 8.11 -15.89
N THR A 31 9.76 9.33 -15.88
CA THR A 31 10.43 10.40 -15.11
C THR A 31 10.57 9.96 -13.64
N SER A 32 9.49 9.29 -13.24
CA SER A 32 9.29 8.79 -11.87
C SER A 32 10.22 7.65 -11.54
N ILE A 33 10.25 6.68 -12.45
CA ILE A 33 11.10 5.49 -12.29
C ILE A 33 12.56 5.90 -12.20
N LEU A 34 12.97 6.88 -12.96
CA LEU A 34 14.40 7.28 -12.98
C LEU A 34 14.74 8.11 -11.76
N GLU A 35 13.78 8.84 -11.26
CA GLU A 35 14.01 9.69 -10.06
C GLU A 35 14.25 8.78 -8.86
N LYS A 36 13.53 7.67 -8.86
CA LYS A 36 13.61 6.69 -7.74
C LYS A 36 14.60 5.58 -8.04
N ALA A 37 14.72 5.20 -9.30
CA ALA A 37 15.65 4.12 -9.73
C ALA A 37 16.47 4.57 -10.93
N PRO A 38 17.59 5.21 -10.68
CA PRO A 38 18.46 5.76 -11.73
C PRO A 38 19.24 4.71 -12.50
N ALA A 39 19.35 3.51 -11.95
CA ALA A 39 20.06 2.42 -12.64
C ALA A 39 19.19 1.91 -13.80
N ALA A 40 17.92 2.26 -13.67
CA ALA A 40 16.86 1.86 -14.61
C ALA A 40 17.13 2.24 -16.05
N LYS A 41 18.17 2.95 -16.37
CA LYS A 41 18.42 3.29 -17.80
C LYS A 41 19.51 2.37 -18.36
N ASP A 42 20.11 1.61 -17.48
CA ASP A 42 21.11 0.61 -17.89
C ASP A 42 20.32 -0.63 -18.36
N LEU A 43 19.12 -0.70 -17.80
CA LEU A 43 18.18 -1.81 -18.04
C LEU A 43 17.30 -1.54 -19.27
N PHE A 44 16.75 -0.33 -19.25
CA PHE A 44 15.86 0.15 -20.32
C PHE A 44 16.67 1.03 -21.26
N SER A 45 16.94 0.45 -22.42
CA SER A 45 17.78 1.08 -23.45
C SER A 45 17.22 2.43 -23.87
N PHE A 46 15.92 2.49 -24.09
CA PHE A 46 15.28 3.74 -24.56
C PHE A 46 15.33 4.86 -23.54
N LEU A 47 15.80 4.56 -22.34
CA LEU A 47 15.92 5.56 -21.26
C LEU A 47 17.39 5.86 -20.98
N ALA A 48 18.24 5.26 -21.79
CA ALA A 48 19.70 5.38 -21.65
C ALA A 48 20.14 6.82 -21.45
N ASN A 49 19.55 7.72 -22.22
CA ASN A 49 19.94 9.15 -22.17
C ASN A 49 18.87 10.03 -21.56
N GLY A 50 18.05 9.48 -20.69
CA GLY A 50 16.97 10.26 -20.04
C GLY A 50 15.66 9.86 -20.69
N VAL A 51 14.63 10.62 -20.45
CA VAL A 51 13.29 10.31 -21.04
C VAL A 51 13.22 11.01 -22.40
N ASP A 52 13.21 10.16 -23.42
CA ASP A 52 13.23 10.63 -24.83
C ASP A 52 11.86 10.52 -25.45
N PRO A 53 11.14 11.64 -25.47
CA PRO A 53 9.78 11.70 -26.01
C PRO A 53 9.77 11.47 -27.52
N THR A 54 10.92 11.44 -28.13
CA THR A 54 11.00 11.18 -29.59
C THR A 54 11.02 9.67 -29.82
N ASN A 55 11.48 8.93 -28.84
CA ASN A 55 11.55 7.45 -28.97
C ASN A 55 10.15 6.89 -28.92
N PRO A 56 9.79 6.12 -29.93
CA PRO A 56 8.45 5.52 -30.06
C PRO A 56 8.26 4.39 -29.05
N LYS A 57 9.36 3.77 -28.64
CA LYS A 57 9.32 2.69 -27.66
C LYS A 57 8.76 3.15 -26.31
N LEU A 58 9.01 4.42 -25.98
CA LEU A 58 8.58 4.94 -24.67
C LEU A 58 7.08 4.77 -24.50
N THR A 59 6.29 5.10 -25.49
CA THR A 59 4.82 4.98 -25.36
C THR A 59 4.35 3.55 -25.61
N GLY A 60 5.11 2.79 -26.35
CA GLY A 60 4.73 1.38 -26.66
C GLY A 60 4.85 0.52 -25.41
N HIS A 61 5.98 0.76 -24.73
CA HIS A 61 6.31 0.03 -23.51
C HIS A 61 5.35 0.40 -22.39
N ALA A 62 5.03 1.66 -22.33
CA ALA A 62 4.13 2.18 -21.25
C ALA A 62 2.71 1.73 -21.50
N GLU A 63 2.17 1.88 -22.69
CA GLU A 63 0.79 1.45 -22.97
C GLU A 63 0.63 -0.04 -22.59
N LYS A 64 1.64 -0.78 -22.96
CA LYS A 64 1.68 -2.25 -22.74
C LYS A 64 1.82 -2.60 -21.28
N LEU A 65 2.46 -1.78 -20.47
CA LEU A 65 2.62 -2.13 -19.04
C LEU A 65 1.32 -1.80 -18.27
N PHE A 66 0.74 -0.68 -18.65
CA PHE A 66 -0.52 -0.20 -18.03
C PHE A 66 -1.71 -1.11 -18.32
N ALA A 67 -1.76 -1.56 -19.58
CA ALA A 67 -2.82 -2.43 -20.10
C ALA A 67 -2.81 -3.80 -19.45
N LEU A 68 -1.62 -4.32 -19.23
CA LEU A 68 -1.41 -5.65 -18.62
C LEU A 68 -1.97 -5.65 -17.20
N VAL A 69 -1.71 -4.54 -16.54
CA VAL A 69 -2.12 -4.30 -15.14
C VAL A 69 -3.63 -4.15 -15.07
N ARG A 70 -4.21 -3.61 -16.13
CA ARG A 70 -5.68 -3.49 -16.26
C ARG A 70 -6.27 -4.88 -16.44
N ASP A 71 -5.64 -5.59 -17.37
CA ASP A 71 -6.00 -6.98 -17.70
C ASP A 71 -6.17 -7.82 -16.43
N SER A 72 -5.23 -7.54 -15.52
CA SER A 72 -5.17 -8.20 -14.21
C SER A 72 -6.44 -7.96 -13.40
N ALA A 73 -6.74 -6.68 -13.25
CA ALA A 73 -7.95 -6.25 -12.53
C ALA A 73 -9.14 -7.05 -13.06
N GLY A 74 -9.13 -7.08 -14.40
CA GLY A 74 -10.16 -7.78 -15.19
C GLY A 74 -10.20 -9.26 -14.85
N GLN A 75 -9.01 -9.82 -14.67
CA GLN A 75 -8.85 -11.24 -14.31
C GLN A 75 -9.29 -11.54 -12.89
N LEU A 76 -8.90 -10.68 -11.98
CA LEU A 76 -9.27 -10.84 -10.56
C LEU A 76 -10.80 -10.80 -10.43
N LYS A 77 -11.38 -9.97 -11.28
CA LYS A 77 -12.84 -9.80 -11.35
C LYS A 77 -13.53 -11.03 -11.92
N ALA A 78 -12.85 -11.64 -12.88
CA ALA A 78 -13.42 -12.78 -13.62
C ALA A 78 -13.18 -14.11 -12.92
N SER A 79 -11.91 -14.27 -12.53
CA SER A 79 -11.41 -15.54 -11.99
C SER A 79 -10.99 -15.52 -10.54
N GLY A 80 -10.89 -14.36 -9.94
CA GLY A 80 -10.39 -14.26 -8.55
C GLY A 80 -8.90 -14.57 -8.50
N THR A 81 -8.28 -14.64 -9.68
CA THR A 81 -6.84 -14.90 -9.80
C THR A 81 -6.29 -14.23 -11.07
N VAL A 82 -4.95 -14.05 -11.04
CA VAL A 82 -4.20 -13.49 -12.15
C VAL A 82 -3.14 -14.52 -12.62
N VAL A 83 -3.07 -14.60 -13.93
CA VAL A 83 -2.13 -15.51 -14.63
C VAL A 83 -1.18 -14.67 -15.47
N ALA A 84 0.09 -15.03 -15.44
CA ALA A 84 1.11 -14.35 -16.24
C ALA A 84 1.64 -15.29 -17.33
N ASP A 85 1.86 -14.67 -18.48
CA ASP A 85 2.43 -15.36 -19.66
C ASP A 85 3.80 -15.91 -19.27
N ALA A 86 4.23 -16.94 -19.95
CA ALA A 86 5.52 -17.59 -19.62
C ALA A 86 6.70 -16.64 -19.84
N ALA A 87 6.64 -15.93 -20.95
CA ALA A 87 7.72 -14.99 -21.35
C ALA A 87 7.90 -13.86 -20.37
N LEU A 88 6.78 -13.34 -19.87
CA LEU A 88 6.80 -12.20 -18.93
C LEU A 88 7.45 -12.64 -17.61
N GLY A 89 7.29 -13.91 -17.30
CA GLY A 89 7.83 -14.49 -16.06
C GLY A 89 9.33 -14.72 -16.21
N SER A 90 9.70 -15.11 -17.42
CA SER A 90 11.10 -15.45 -17.75
C SER A 90 12.02 -14.25 -17.75
N VAL A 91 11.55 -13.13 -18.27
CA VAL A 91 12.40 -11.93 -18.38
C VAL A 91 12.60 -11.27 -17.01
N HIS A 92 11.65 -11.46 -16.12
CA HIS A 92 11.71 -10.82 -14.79
C HIS A 92 12.50 -11.67 -13.81
N ALA A 93 13.06 -12.75 -14.30
CA ALA A 93 13.88 -13.65 -13.45
C ALA A 93 15.26 -13.05 -13.25
N GLN A 94 15.55 -11.97 -13.94
CA GLN A 94 16.88 -11.32 -13.84
C GLN A 94 16.97 -10.62 -12.49
N LYS A 95 18.22 -10.48 -12.05
CA LYS A 95 18.55 -9.98 -10.70
C LYS A 95 18.19 -8.53 -10.51
N ALA A 96 17.91 -7.81 -11.58
CA ALA A 96 17.52 -6.40 -11.48
C ALA A 96 16.14 -6.29 -10.85
N VAL A 97 15.38 -7.36 -11.05
CA VAL A 97 13.98 -7.42 -10.54
C VAL A 97 14.01 -7.93 -9.09
N THR A 98 13.87 -6.92 -8.23
CA THR A 98 13.86 -7.07 -6.77
C THR A 98 12.58 -6.48 -6.20
N ASP A 99 12.26 -6.89 -4.99
CA ASP A 99 11.02 -6.42 -4.31
C ASP A 99 11.03 -4.90 -4.24
N PRO A 100 12.10 -4.31 -3.80
CA PRO A 100 12.26 -2.86 -3.74
C PRO A 100 11.93 -2.17 -5.06
N GLN A 101 12.15 -2.87 -6.16
CA GLN A 101 11.92 -2.31 -7.51
C GLN A 101 10.45 -2.40 -7.92
N PHE A 102 9.77 -3.40 -7.38
CA PHE A 102 8.34 -3.58 -7.65
C PHE A 102 7.59 -2.35 -7.09
N VAL A 103 8.12 -1.89 -5.97
CA VAL A 103 7.55 -0.73 -5.26
C VAL A 103 7.66 0.49 -6.16
N VAL A 104 8.90 0.74 -6.58
CA VAL A 104 9.22 1.89 -7.44
C VAL A 104 8.30 1.97 -8.64
N VAL A 105 8.19 0.88 -9.36
CA VAL A 105 7.35 0.82 -10.58
C VAL A 105 5.89 1.11 -10.20
N LYS A 106 5.52 0.57 -9.04
CA LYS A 106 4.15 0.70 -8.52
C LYS A 106 3.78 2.14 -8.23
N GLU A 107 4.65 2.76 -7.45
CA GLU A 107 4.46 4.15 -7.00
C GLU A 107 4.46 5.10 -8.19
N ALA A 108 5.19 4.68 -9.22
CA ALA A 108 5.32 5.44 -10.47
C ALA A 108 4.02 5.39 -11.26
N LEU A 109 3.39 4.22 -11.27
CA LEU A 109 2.14 4.02 -12.03
C LEU A 109 0.97 4.72 -11.35
N LEU A 110 0.88 4.63 -10.06
CA LEU A 110 -0.24 5.29 -9.31
C LEU A 110 -0.09 6.80 -9.42
N LYS A 111 1.16 7.21 -9.55
CA LYS A 111 1.55 8.62 -9.73
C LYS A 111 1.09 9.14 -11.08
N THR A 112 1.08 8.23 -12.04
CA THR A 112 0.70 8.53 -13.44
C THR A 112 -0.81 8.51 -13.61
N ILE A 113 -1.46 7.60 -12.92
CA ILE A 113 -2.95 7.50 -12.99
C ILE A 113 -3.56 8.74 -12.34
N LYS A 114 -2.97 9.11 -11.22
CA LYS A 114 -3.42 10.31 -10.47
C LYS A 114 -3.51 11.49 -11.43
N ALA A 115 -2.35 11.82 -11.99
CA ALA A 115 -2.24 12.93 -12.95
C ALA A 115 -3.21 12.80 -14.11
N ALA A 116 -3.63 11.57 -14.36
CA ALA A 116 -4.55 11.25 -15.45
C ALA A 116 -5.99 11.45 -15.03
N VAL A 117 -6.32 11.17 -13.79
CA VAL A 117 -7.72 11.29 -13.34
C VAL A 117 -7.97 12.64 -12.66
N GLY A 118 -6.95 13.27 -12.15
CA GLY A 118 -7.12 14.59 -11.49
C GLY A 118 -7.95 14.43 -10.23
N ASP A 119 -8.89 15.35 -10.05
CA ASP A 119 -9.74 15.38 -8.83
C ASP A 119 -10.54 14.11 -8.64
N LYS A 120 -10.63 13.30 -9.67
CA LYS A 120 -11.34 12.00 -9.57
C LYS A 120 -10.51 11.02 -8.76
N TRP A 121 -9.35 11.45 -8.32
CA TRP A 121 -8.42 10.60 -7.53
C TRP A 121 -8.91 10.38 -6.11
N SER A 122 -8.63 9.17 -5.62
CA SER A 122 -9.00 8.75 -4.26
C SER A 122 -8.26 7.48 -3.86
N ASP A 123 -8.28 7.26 -2.54
CA ASP A 123 -7.72 6.06 -1.92
C ASP A 123 -8.34 4.81 -2.54
N GLU A 124 -9.64 4.93 -2.80
CA GLU A 124 -10.43 3.83 -3.36
C GLU A 124 -9.89 3.40 -4.71
N LEU A 125 -9.57 4.42 -5.51
CA LEU A 125 -9.03 4.19 -6.86
C LEU A 125 -7.63 3.57 -6.76
N SER A 126 -6.88 4.22 -5.89
CA SER A 126 -5.47 3.86 -5.64
C SER A 126 -5.35 2.42 -5.19
N ARG A 127 -6.39 1.97 -4.48
CA ARG A 127 -6.45 0.62 -3.88
C ARG A 127 -6.74 -0.48 -4.89
N ALA A 128 -7.61 -0.20 -5.83
CA ALA A 128 -7.96 -1.18 -6.90
C ALA A 128 -6.77 -1.41 -7.81
N TRP A 129 -6.06 -0.36 -8.17
CA TRP A 129 -4.84 -0.49 -9.01
C TRP A 129 -3.79 -1.28 -8.21
N GLU A 130 -3.72 -0.83 -6.96
CA GLU A 130 -2.79 -1.39 -5.94
C GLU A 130 -2.88 -2.89 -5.91
N VAL A 131 -4.12 -3.36 -5.83
CA VAL A 131 -4.42 -4.81 -5.80
C VAL A 131 -4.07 -5.44 -7.15
N ALA A 132 -4.64 -4.84 -8.19
CA ALA A 132 -4.42 -5.26 -9.58
C ALA A 132 -2.94 -5.56 -9.85
N TYR A 133 -2.10 -4.58 -9.50
CA TYR A 133 -0.65 -4.66 -9.68
C TYR A 133 0.02 -5.70 -8.80
N ASP A 134 -0.23 -5.63 -7.50
CA ASP A 134 0.38 -6.54 -6.54
C ASP A 134 0.03 -7.99 -6.85
N GLU A 135 -1.18 -8.23 -7.30
CA GLU A 135 -1.62 -9.61 -7.63
C GLU A 135 -0.90 -10.09 -8.88
N LEU A 136 -0.66 -9.19 -9.81
CA LEU A 136 0.07 -9.52 -11.07
C LEU A 136 1.56 -9.72 -10.79
N ALA A 137 2.11 -8.80 -10.00
CA ALA A 137 3.55 -8.83 -9.64
C ALA A 137 3.92 -10.18 -9.06
N ALA A 138 3.06 -10.73 -8.23
CA ALA A 138 3.29 -12.06 -7.61
C ALA A 138 3.12 -13.14 -8.67
N ALA A 139 2.21 -12.88 -9.59
CA ALA A 139 1.91 -13.83 -10.68
C ALA A 139 3.14 -13.96 -11.60
N ILE A 140 3.92 -12.89 -11.62
CA ILE A 140 5.15 -12.82 -12.42
C ILE A 140 6.29 -13.48 -11.64
N LYS A 141 6.40 -13.03 -10.39
CA LYS A 141 7.46 -13.46 -9.46
C LYS A 141 7.65 -14.97 -9.44
N LYS A 142 6.67 -15.72 -9.83
CA LYS A 142 6.81 -17.21 -9.84
C LYS A 142 5.68 -17.76 -10.70
N ALA A 143 6.04 -17.72 -11.99
CA ALA A 143 5.20 -18.16 -13.11
C ALA A 143 5.81 -17.56 -14.40
N VAL B 1 -2.76 -12.63 -1.05
CA VAL B 1 -1.79 -11.60 -0.60
C VAL B 1 -0.45 -12.25 -0.24
N ALA B 2 0.60 -11.69 -0.82
CA ALA B 2 1.96 -12.17 -0.58
C ALA B 2 2.55 -11.48 0.64
N PHE B 3 2.86 -12.28 1.65
CA PHE B 3 3.47 -11.76 2.89
C PHE B 3 4.56 -12.76 3.34
N THR B 4 5.79 -12.35 3.09
CA THR B 4 6.97 -13.20 3.35
C THR B 4 7.25 -13.30 4.85
N GLU B 5 8.01 -14.36 5.14
CA GLU B 5 8.43 -14.71 6.51
C GLU B 5 9.35 -13.64 7.09
N LYS B 6 10.01 -12.92 6.19
CA LYS B 6 10.95 -11.86 6.59
C LYS B 6 10.16 -10.62 7.01
N GLN B 7 9.11 -10.35 6.26
CA GLN B 7 8.21 -9.23 6.56
C GLN B 7 7.57 -9.44 7.94
N ASP B 8 7.25 -10.71 8.21
CA ASP B 8 6.58 -11.11 9.45
C ASP B 8 7.50 -10.88 10.66
N ALA B 9 8.75 -11.27 10.42
CA ALA B 9 9.83 -11.19 11.42
C ALA B 9 10.18 -9.75 11.74
N LEU B 10 10.10 -8.90 10.73
CA LEU B 10 10.39 -7.48 10.89
C LEU B 10 9.30 -6.84 11.75
N VAL B 11 8.13 -7.43 11.59
CA VAL B 11 6.90 -6.96 12.25
C VAL B 11 6.87 -7.40 13.71
N SER B 12 7.11 -8.68 13.91
CA SER B 12 7.09 -9.26 15.26
C SER B 12 8.23 -8.65 16.08
N SER B 13 9.38 -8.58 15.40
CA SER B 13 10.62 -8.06 15.98
C SER B 13 10.48 -6.59 16.37
N SER B 14 9.64 -5.88 15.66
CA SER B 14 9.46 -4.44 15.94
C SER B 14 8.29 -4.25 16.91
N PHE B 15 7.39 -5.23 16.91
CA PHE B 15 6.25 -5.21 17.82
C PHE B 15 6.73 -5.49 19.24
N GLU B 16 7.82 -6.23 19.35
CA GLU B 16 8.41 -6.50 20.67
C GLU B 16 9.07 -5.21 21.17
N ALA B 17 9.81 -4.59 20.25
CA ALA B 17 10.51 -3.32 20.53
C ALA B 17 9.51 -2.30 21.05
N PHE B 18 8.29 -2.42 20.56
CA PHE B 18 7.20 -1.51 20.96
C PHE B 18 6.71 -1.82 22.35
N LYS B 19 6.64 -3.10 22.69
CA LYS B 19 6.11 -3.54 24.00
C LYS B 19 7.09 -3.35 25.13
N ALA B 20 8.27 -2.86 24.81
CA ALA B 20 9.32 -2.61 25.83
C ALA B 20 9.05 -1.27 26.51
N ASN B 21 8.30 -0.43 25.80
CA ASN B 21 7.94 0.89 26.31
C ASN B 21 6.65 1.41 25.68
N ILE B 22 5.55 0.77 26.03
CA ILE B 22 4.21 1.16 25.51
C ILE B 22 3.83 2.53 26.02
N PRO B 23 3.99 2.78 27.31
CA PRO B 23 3.65 4.06 27.92
C PRO B 23 4.14 5.25 27.11
N GLN B 24 5.36 5.08 26.61
CA GLN B 24 6.05 6.11 25.84
C GLN B 24 5.62 6.15 24.39
N TYR B 25 5.49 4.99 23.79
CA TYR B 25 5.14 4.88 22.33
C TYR B 25 3.68 5.20 22.10
N SER B 26 2.87 5.01 23.12
CA SER B 26 1.45 5.39 23.05
C SER B 26 1.32 6.91 22.87
N VAL B 27 2.15 7.64 23.60
CA VAL B 27 2.13 9.12 23.55
C VAL B 27 2.38 9.56 22.10
N VAL B 28 3.37 8.95 21.49
CA VAL B 28 3.72 9.26 20.10
C VAL B 28 2.55 8.95 19.18
N PHE B 29 1.89 7.84 19.47
CA PHE B 29 0.79 7.34 18.62
C PHE B 29 -0.36 8.35 18.65
N TYR B 30 -0.80 8.61 19.85
CA TYR B 30 -1.95 9.51 20.11
C TYR B 30 -1.63 10.96 19.87
N THR B 31 -0.40 11.38 20.09
CA THR B 31 0.00 12.77 19.83
C THR B 31 -0.19 13.05 18.33
N SER B 32 0.26 12.05 17.58
CA SER B 32 0.27 12.10 16.10
C SER B 32 -1.12 12.10 15.51
N ILE B 33 -2.02 11.31 16.06
CA ILE B 33 -3.42 11.22 15.54
C ILE B 33 -4.18 12.51 15.73
N LEU B 34 -3.86 13.20 16.83
CA LEU B 34 -4.54 14.44 17.21
C LEU B 34 -4.03 15.67 16.48
N GLU B 35 -2.82 15.58 15.98
CA GLU B 35 -2.22 16.70 15.24
C GLU B 35 -2.88 16.81 13.86
N LYS B 36 -3.14 15.64 13.31
CA LYS B 36 -3.69 15.53 11.94
C LYS B 36 -5.20 15.40 11.93
N ALA B 37 -5.72 14.82 12.99
CA ALA B 37 -7.19 14.63 13.16
C ALA B 37 -7.62 15.04 14.56
N PRO B 38 -7.51 16.33 14.85
CA PRO B 38 -7.83 16.89 16.17
C PRO B 38 -9.25 16.53 16.60
N ALA B 39 -10.07 16.14 15.65
CA ALA B 39 -11.47 15.73 15.94
C ALA B 39 -11.49 14.47 16.81
N ALA B 40 -10.33 13.83 16.86
CA ALA B 40 -10.13 12.58 17.63
C ALA B 40 -10.50 12.74 19.09
N LYS B 41 -10.57 13.97 19.58
CA LYS B 41 -10.89 14.21 21.00
C LYS B 41 -12.36 13.87 21.24
N ASP B 42 -13.14 13.94 20.17
CA ASP B 42 -14.59 13.69 20.26
C ASP B 42 -14.95 12.24 20.03
N LEU B 43 -14.02 11.47 19.51
CA LEU B 43 -14.25 10.03 19.24
C LEU B 43 -13.72 9.19 20.39
N PHE B 44 -12.50 9.52 20.77
CA PHE B 44 -11.79 8.80 21.85
C PHE B 44 -11.88 9.63 23.13
N SER B 45 -12.79 9.07 23.97
CA SER B 45 -13.16 9.62 25.26
C SER B 45 -11.98 9.96 26.15
N PHE B 46 -10.93 9.16 26.00
CA PHE B 46 -9.70 9.30 26.80
C PHE B 46 -8.72 10.31 26.22
N LEU B 47 -9.10 10.97 25.15
CA LEU B 47 -8.23 12.00 24.54
C LEU B 47 -8.92 13.36 24.59
N ALA B 48 -10.05 13.36 25.29
CA ALA B 48 -10.89 14.55 25.46
C ALA B 48 -10.07 15.76 25.86
N ASN B 49 -9.18 15.54 26.81
CA ASN B 49 -8.34 16.63 27.34
C ASN B 49 -6.87 16.36 27.08
N GLY B 50 -6.57 16.08 25.82
CA GLY B 50 -5.18 15.87 25.35
C GLY B 50 -4.73 14.45 25.65
N VAL B 51 -3.47 14.21 25.34
CA VAL B 51 -2.85 12.89 25.55
C VAL B 51 -2.49 12.77 27.04
N ASP B 52 -3.47 12.19 27.73
CA ASP B 52 -3.41 11.96 29.18
C ASP B 52 -2.78 10.62 29.49
N PRO B 53 -1.55 10.66 29.98
CA PRO B 53 -0.78 9.45 30.26
C PRO B 53 -1.14 8.85 31.61
N THR B 54 -2.11 9.43 32.27
CA THR B 54 -2.55 8.93 33.60
C THR B 54 -3.82 8.10 33.44
N ASN B 55 -4.27 7.97 32.22
CA ASN B 55 -5.49 7.17 31.89
C ASN B 55 -5.03 5.81 31.41
N PRO B 56 -5.47 4.77 32.07
CA PRO B 56 -5.04 3.39 31.76
C PRO B 56 -5.53 2.94 30.40
N LYS B 57 -6.53 3.66 29.89
CA LYS B 57 -7.12 3.35 28.58
C LYS B 57 -6.20 3.73 27.42
N LEU B 58 -5.31 4.68 27.63
CA LEU B 58 -4.44 5.14 26.53
C LEU B 58 -3.52 3.99 26.10
N THR B 59 -2.78 3.46 27.05
CA THR B 59 -1.83 2.37 26.76
C THR B 59 -2.54 1.07 26.40
N GLY B 60 -3.71 0.85 26.96
CA GLY B 60 -4.47 -0.39 26.71
C GLY B 60 -4.96 -0.43 25.27
N HIS B 61 -5.54 0.70 24.88
CA HIS B 61 -6.12 0.89 23.54
C HIS B 61 -5.04 0.81 22.47
N ALA B 62 -3.90 1.41 22.79
CA ALA B 62 -2.74 1.41 21.89
C ALA B 62 -2.29 -0.02 21.59
N GLU B 63 -2.04 -0.74 22.67
CA GLU B 63 -1.53 -2.12 22.60
C GLU B 63 -2.47 -3.07 21.87
N LYS B 64 -3.74 -3.02 22.17
CA LYS B 64 -4.72 -3.88 21.48
C LYS B 64 -4.73 -3.60 19.98
N LEU B 65 -4.52 -2.35 19.59
CA LEU B 65 -4.55 -1.96 18.17
C LEU B 65 -3.30 -2.47 17.45
N PHE B 66 -2.17 -2.28 18.11
CA PHE B 66 -0.87 -2.71 17.57
C PHE B 66 -0.87 -4.23 17.44
N ALA B 67 -1.41 -4.85 18.48
CA ALA B 67 -1.51 -6.32 18.58
C ALA B 67 -2.26 -6.88 17.38
N LEU B 68 -3.38 -6.25 17.09
CA LEU B 68 -4.28 -6.67 15.97
C LEU B 68 -3.55 -6.58 14.65
N VAL B 69 -2.87 -5.46 14.42
CA VAL B 69 -2.12 -5.31 13.16
C VAL B 69 -1.01 -6.37 13.11
N ARG B 70 -0.36 -6.61 14.20
CA ARG B 70 0.70 -7.68 14.22
C ARG B 70 0.03 -9.00 13.88
N ASP B 71 -1.18 -9.17 14.41
CA ASP B 71 -1.99 -10.37 14.14
C ASP B 71 -2.29 -10.52 12.67
N SER B 72 -2.55 -9.39 12.02
CA SER B 72 -2.89 -9.36 10.58
C SER B 72 -1.75 -9.90 9.72
N ALA B 73 -0.55 -9.42 10.04
CA ALA B 73 0.68 -9.83 9.34
C ALA B 73 0.84 -11.35 9.41
N GLY B 74 0.43 -11.88 10.56
CA GLY B 74 0.47 -13.33 10.82
C GLY B 74 -0.55 -14.07 9.96
N GLN B 75 -1.71 -13.44 9.78
CA GLN B 75 -2.80 -14.00 8.98
C GLN B 75 -2.45 -14.01 7.49
N LEU B 76 -1.69 -13.01 7.10
CA LEU B 76 -1.25 -12.89 5.69
C LEU B 76 -0.09 -13.84 5.47
N LYS B 77 0.73 -13.97 6.49
CA LYS B 77 1.89 -14.89 6.41
C LYS B 77 1.31 -16.32 6.27
N ALA B 78 0.36 -16.57 7.17
CA ALA B 78 -0.30 -17.88 7.25
C ALA B 78 -1.19 -18.20 6.07
N SER B 79 -2.17 -17.34 5.83
CA SER B 79 -3.17 -17.59 4.77
C SER B 79 -3.15 -16.62 3.62
N GLY B 80 -2.49 -15.49 3.77
CA GLY B 80 -2.48 -14.47 2.71
C GLY B 80 -3.86 -13.82 2.65
N THR B 81 -4.55 -13.94 3.78
CA THR B 81 -5.89 -13.38 3.97
C THR B 81 -6.05 -12.91 5.42
N VAL B 82 -6.82 -11.84 5.55
CA VAL B 82 -7.10 -11.23 6.87
C VAL B 82 -8.60 -11.23 7.13
N VAL B 83 -8.89 -11.63 8.38
CA VAL B 83 -10.25 -11.74 8.88
C VAL B 83 -10.47 -10.92 10.16
N ALA B 84 -11.35 -9.94 10.01
CA ALA B 84 -11.77 -9.05 11.10
C ALA B 84 -12.98 -9.61 11.84
N ASP B 85 -12.90 -9.60 13.17
CA ASP B 85 -14.00 -10.08 14.03
C ASP B 85 -15.28 -9.33 13.71
N ALA B 86 -16.39 -9.93 14.11
CA ALA B 86 -17.74 -9.37 13.98
C ALA B 86 -17.84 -7.96 14.54
N ALA B 87 -17.39 -7.84 15.79
CA ALA B 87 -17.45 -6.59 16.55
C ALA B 87 -16.48 -5.54 16.06
N LEU B 88 -15.40 -6.01 15.45
CA LEU B 88 -14.35 -5.11 14.94
C LEU B 88 -14.86 -4.37 13.71
N GLY B 89 -15.56 -5.06 12.85
CA GLY B 89 -16.09 -4.42 11.63
C GLY B 89 -17.32 -3.57 11.93
N SER B 90 -18.04 -3.89 12.99
CA SER B 90 -19.30 -3.18 13.31
C SER B 90 -19.08 -1.85 14.00
N VAL B 91 -18.01 -1.69 14.73
CA VAL B 91 -17.76 -0.40 15.42
C VAL B 91 -17.29 0.66 14.43
N HIS B 92 -16.65 0.19 13.37
CA HIS B 92 -16.06 1.10 12.36
C HIS B 92 -17.06 1.41 11.25
N ALA B 93 -18.31 1.06 11.49
CA ALA B 93 -19.40 1.35 10.55
C ALA B 93 -19.86 2.80 10.70
N GLN B 94 -19.52 3.40 11.83
CA GLN B 94 -19.95 4.79 12.14
C GLN B 94 -19.37 5.79 11.14
N LYS B 95 -19.99 6.98 11.15
CA LYS B 95 -19.71 8.04 10.17
C LYS B 95 -18.32 8.64 10.30
N ALA B 96 -17.75 8.56 11.49
CA ALA B 96 -16.43 9.15 11.77
C ALA B 96 -15.31 8.36 11.10
N VAL B 97 -15.60 7.13 10.74
CA VAL B 97 -14.60 6.23 10.12
C VAL B 97 -14.59 6.39 8.61
N THR B 98 -13.59 7.11 8.11
CA THR B 98 -13.46 7.36 6.66
C THR B 98 -12.10 6.93 6.14
N ASP B 99 -11.97 6.95 4.82
CA ASP B 99 -10.73 6.55 4.14
C ASP B 99 -9.55 7.41 4.58
N PRO B 100 -9.71 8.70 4.65
CA PRO B 100 -8.68 9.64 5.09
C PRO B 100 -8.24 9.38 6.53
N GLN B 101 -9.16 8.94 7.36
CA GLN B 101 -8.83 8.67 8.79
C GLN B 101 -8.02 7.39 8.89
N PHE B 102 -8.24 6.49 7.93
CA PHE B 102 -7.46 5.25 7.85
C PHE B 102 -5.97 5.58 7.66
N VAL B 103 -5.74 6.60 6.86
CA VAL B 103 -4.36 7.04 6.53
C VAL B 103 -3.75 7.80 7.70
N VAL B 104 -4.58 8.48 8.46
CA VAL B 104 -4.11 9.23 9.65
C VAL B 104 -3.68 8.21 10.71
N VAL B 105 -4.43 7.13 10.82
CA VAL B 105 -4.11 6.09 11.82
C VAL B 105 -2.87 5.33 11.35
N LYS B 106 -2.80 5.07 10.05
CA LYS B 106 -1.65 4.38 9.45
C LYS B 106 -0.37 5.20 9.64
N GLU B 107 -0.43 6.46 9.28
CA GLU B 107 0.74 7.36 9.40
C GLU B 107 1.22 7.43 10.85
N ALA B 108 0.28 7.59 11.76
CA ALA B 108 0.59 7.66 13.19
C ALA B 108 1.39 6.42 13.58
N LEU B 109 0.81 5.29 13.23
CA LEU B 109 1.40 3.96 13.52
C LEU B 109 2.82 3.83 13.03
N LEU B 110 3.11 4.17 11.81
CA LEU B 110 4.50 3.99 11.27
C LEU B 110 5.48 4.87 12.03
N LYS B 111 4.98 5.95 12.59
CA LYS B 111 5.82 6.92 13.34
C LYS B 111 6.07 6.42 14.76
N THR B 112 5.20 5.52 15.19
CA THR B 112 5.27 4.92 16.53
C THR B 112 6.31 3.78 16.51
N ILE B 113 6.32 3.11 15.36
CA ILE B 113 7.24 1.97 15.11
C ILE B 113 8.65 2.50 14.84
N LYS B 114 8.64 3.61 14.09
CA LYS B 114 9.86 4.33 13.72
C LYS B 114 10.64 4.74 14.97
N ALA B 115 9.85 5.28 15.91
CA ALA B 115 10.38 5.78 17.18
C ALA B 115 10.81 4.61 18.05
N ALA B 116 10.13 3.49 17.87
CA ALA B 116 10.43 2.27 18.63
C ALA B 116 11.71 1.62 18.16
N VAL B 117 11.99 1.63 16.87
CA VAL B 117 13.21 0.96 16.33
C VAL B 117 14.36 1.93 16.11
N GLY B 118 14.03 3.18 15.86
CA GLY B 118 15.06 4.22 15.62
C GLY B 118 16.01 3.83 14.49
N ASP B 119 17.19 3.36 14.92
CA ASP B 119 18.32 3.00 14.05
C ASP B 119 17.99 1.92 13.04
N LYS B 120 17.23 0.93 13.49
CA LYS B 120 16.88 -0.24 12.67
C LYS B 120 15.72 0.03 11.73
N TRP B 121 15.22 1.24 11.68
CA TRP B 121 14.11 1.59 10.75
C TRP B 121 14.60 1.29 9.34
N SER B 122 13.63 1.05 8.47
CA SER B 122 13.94 0.72 7.06
C SER B 122 12.66 0.81 6.22
N ASP B 123 12.88 0.77 4.91
CA ASP B 123 11.78 0.76 3.93
C ASP B 123 11.04 -0.58 4.03
N GLU B 124 11.87 -1.62 4.10
CA GLU B 124 11.40 -2.99 4.22
C GLU B 124 10.31 -3.06 5.30
N LEU B 125 10.79 -2.69 6.49
CA LEU B 125 9.97 -2.72 7.73
C LEU B 125 8.68 -1.95 7.53
N SER B 126 8.80 -0.75 6.99
CA SER B 126 7.63 0.12 6.79
C SER B 126 6.58 -0.56 5.91
N ARG B 127 7.01 -1.09 4.78
CA ARG B 127 6.09 -1.74 3.83
C ARG B 127 5.38 -2.94 4.48
N ALA B 128 6.12 -3.60 5.36
CA ALA B 128 5.64 -4.81 6.07
C ALA B 128 4.49 -4.47 6.99
N TRP B 129 4.66 -3.41 7.76
CA TRP B 129 3.64 -2.93 8.69
C TRP B 129 2.41 -2.45 7.89
N GLU B 130 2.74 -1.79 6.80
CA GLU B 130 1.74 -1.18 5.91
C GLU B 130 0.90 -2.20 5.16
N VAL B 131 1.48 -3.31 4.72
CA VAL B 131 0.70 -4.37 4.06
C VAL B 131 -0.40 -4.86 5.03
N ALA B 132 0.12 -5.19 6.22
CA ALA B 132 -0.69 -5.71 7.34
C ALA B 132 -1.79 -4.77 7.76
N TYR B 133 -1.46 -3.48 7.74
CA TYR B 133 -2.43 -2.44 8.09
C TYR B 133 -3.51 -2.36 7.01
N ASP B 134 -3.03 -1.96 5.83
CA ASP B 134 -3.88 -1.77 4.65
C ASP B 134 -4.82 -2.94 4.42
N GLU B 135 -4.35 -4.13 4.64
CA GLU B 135 -5.16 -5.36 4.37
C GLU B 135 -6.21 -5.54 5.43
N LEU B 136 -5.89 -5.21 6.67
CA LEU B 136 -6.86 -5.32 7.79
C LEU B 136 -7.89 -4.19 7.70
N ALA B 137 -7.46 -3.04 7.22
CA ALA B 137 -8.36 -1.89 7.03
C ALA B 137 -9.46 -2.33 6.06
N ALA B 138 -9.00 -2.97 4.99
CA ALA B 138 -9.91 -3.50 3.95
C ALA B 138 -10.90 -4.47 4.58
N ALA B 139 -10.36 -5.25 5.52
CA ALA B 139 -11.13 -6.27 6.25
C ALA B 139 -12.18 -5.61 7.15
N ILE B 140 -11.78 -4.50 7.77
CA ILE B 140 -12.70 -3.72 8.62
C ILE B 140 -13.75 -3.04 7.75
N LYS B 141 -13.26 -2.58 6.60
CA LYS B 141 -14.09 -1.85 5.63
C LYS B 141 -14.87 -2.82 4.75
N LYS B 142 -15.65 -3.66 5.39
CA LYS B 142 -16.48 -4.69 4.71
C LYS B 142 -15.96 -6.08 5.14
N ALA B 143 -16.70 -6.58 6.14
CA ALA B 143 -16.47 -7.89 6.76
C ALA B 143 -16.83 -7.76 8.26
CHA HEM C . 10.05 -6.32 -19.47
CHB HEM C . 5.75 -5.56 -17.45
CHC HEM C . 7.90 -5.26 -13.12
CHD HEM C . 12.15 -4.83 -15.34
C1A HEM C . 8.69 -6.16 -19.35
C2A HEM C . 7.69 -6.12 -20.40
C3A HEM C . 6.50 -5.89 -19.83
C4A HEM C . 6.71 -5.78 -18.41
CMA HEM C . 5.12 -5.78 -20.49
CAA HEM C . 8.03 -6.32 -21.91
CBA HEM C . 8.06 -5.08 -22.80
CGA HEM C . 8.40 -5.26 -24.26
O1A HEM C . 7.44 -5.21 -25.07
O2A HEM C . 9.61 -5.39 -24.57
C1B HEM C . 5.96 -5.47 -16.09
C2B HEM C . 4.94 -5.36 -15.07
C3B HEM C . 5.54 -5.27 -13.90
C4B HEM C . 6.97 -5.31 -14.12
CMB HEM C . 3.43 -5.35 -15.39
CAB HEM C . 4.97 -5.16 -12.47
CBB HEM C . 3.84 -5.75 -12.10
C1C HEM C . 9.24 -5.03 -13.33
C2C HEM C . 10.21 -4.61 -12.33
C3C HEM C . 11.40 -4.49 -12.95
C4C HEM C . 11.20 -4.82 -14.34
CMC HEM C . 9.86 -4.39 -10.85
CAC HEM C . 12.76 -4.09 -12.34
CBC HEM C . 13.43 -3.03 -12.79
C1D HEM C . 11.92 -5.26 -16.63
C2D HEM C . 12.99 -5.50 -17.59
C3D HEM C . 12.42 -5.93 -18.72
C4D HEM C . 10.98 -5.95 -18.52
CMD HEM C . 14.47 -5.26 -17.25
CAD HEM C . 13.09 -6.30 -20.05
CBD HEM C . 13.54 -5.15 -20.94
CGD HEM C . 13.45 -5.42 -22.42
O1D HEM C . 14.47 -5.89 -22.97
O2D HEM C . 12.31 -5.24 -22.92
NA HEM C . 8.05 -5.94 -18.13
NB HEM C . 7.20 -5.43 -15.48
NC HEM C . 9.87 -5.15 -14.56
ND HEM C . 10.71 -5.53 -17.23
FE HEM C . 8.80 -5.29 -16.42
HHB HEM C . 4.75 -5.46 -17.79
HHC HEM C . 7.57 -5.37 -12.10
HHD HEM C . 13.14 -4.47 -15.12
HAB HEM C . 5.49 -4.60 -11.71
HAC HEM C . 13.18 -4.68 -11.55
HHA HEM C . 10.41 -6.76 -20.39
HMA1 HEM C . 4.61 -6.76 -20.49
HMA2 HEM C . 5.23 -5.43 -21.54
HMA3 HEM C . 4.51 -5.05 -19.94
HAA1 HEM C . 7.27 -6.95 -22.32
HAA2 HEM C . 9.00 -6.76 -21.97
HBA1 HEM C . 7.09 -4.62 -22.77
HBA2 HEM C . 8.81 -4.41 -22.40
HMB1 HEM C . 3.04 -6.39 -15.37
HMB2 HEM C . 2.90 -4.75 -14.63
HMB3 HEM C . 3.26 -4.92 -16.39
HBB1 HEM C . 3.27 -6.32 -12.81
HBB2 HEM C . 3.46 -5.66 -11.10
HMC1 HEM C . 8.98 -3.72 -10.78
HMC2 HEM C . 9.62 -5.35 -10.37
HMC3 HEM C . 10.71 -3.91 -10.34
HBC1 HEM C . 13.03 -2.42 -13.58
HBC2 HEM C . 14.38 -2.77 -12.36
HMD1 HEM C . 14.78 -5.97 -16.47
HMD2 HEM C . 15.09 -5.41 -18.15
HMD3 HEM C . 14.60 -4.23 -16.88
HAD1 HEM C . 13.97 -6.88 -19.83
HAD2 HEM C . 12.38 -6.87 -20.62
HBD1 HEM C . 14.57 -4.95 -20.72
HBD2 HEM C . 12.92 -4.30 -20.74
N NIO D . 8.50 -3.22 -16.39
C1 NIO D . 8.73 -2.96 -17.75
C2 NIO D . 8.99 -1.67 -18.22
C3 NIO D . 9.08 -0.63 -17.26
C4 NIO D . 8.88 -0.93 -15.94
C5 NIO D . 8.61 -2.21 -15.51
C6 NIO D . 9.16 -1.43 -19.64
O1 NIO D . 9.10 -2.34 -20.45
O2 NIO D . 9.38 -0.28 -20.04
H1 NIO D . 8.70 -3.77 -18.45
H3 NIO D . 9.33 0.38 -17.57
H4 NIO D . 8.93 -0.14 -15.20
H5 NIO D . 8.47 -2.39 -14.45
CHA HEM E . -12.51 1.20 18.08
CHB HEM E . -8.87 -0.93 15.80
CHC HEM E . -9.38 2.20 12.12
CHD HEM E . -12.30 4.85 14.85
C1A HEM E . -11.50 0.30 17.82
C2A HEM E . -11.01 -0.75 18.66
C3A HEM E . -9.98 -1.34 18.03
C4A HEM E . -9.80 -0.65 16.77
CMA HEM E . -9.12 -2.54 18.48
CAA HEM E . -11.60 -1.13 20.05
CBA HEM E . -11.12 -0.36 21.27
CGA HEM E . -11.16 -1.09 22.60
O1A HEM E . -10.04 -1.22 23.19
O2A HEM E . -12.28 -1.46 23.01
C1B HEM E . -8.73 -0.28 14.59
C2B HEM E . -7.80 -0.67 13.55
C3B HEM E . -7.95 0.18 12.54
C4B HEM E . -8.97 1.15 12.92
CMB HEM E . -6.85 -1.89 13.67
CAB HEM E . -7.23 0.23 11.18
CBB HEM E . -7.24 -0.87 10.41
C1C HEM E . -10.12 3.27 12.54
C2C HEM E . -10.27 4.55 11.91
C3C HEM E . -11.08 5.31 12.67
C4C HEM E . -11.45 4.50 13.82
CMC HEM E . -9.58 4.94 10.58
CAC HEM E . -11.55 6.75 12.42
CBC HEM E . -11.40 7.72 13.28
C1D HEM E . -12.63 4.06 15.93
C2D HEM E . -13.54 4.45 16.99
C3D HEM E . -13.61 3.45 17.86
C4D HEM E . -12.70 2.40 17.40
CMD HEM E . -14.28 5.80 17.05
CAD HEM E . -14.38 3.33 19.19
CBD HEM E . -13.52 3.34 20.47
CGD HEM E . -14.26 3.09 21.74
O1D HEM E . -15.40 3.64 21.82
O2D HEM E . -13.69 2.35 22.59
NA HEM E . -10.75 0.35 16.66
NB HEM E . -9.43 0.84 14.18
NC HEM E . -10.84 3.26 13.73
ND HEM E . -12.13 2.80 16.21
FE HEM E . -10.78 1.94 15.24
HHB HEM E . -8.17 -1.73 16.00
HHC HEM E . -9.11 2.17 11.08
HHD HEM E . -12.77 5.82 14.79
HAB HEM E . -6.76 1.14 10.86
HAC HEM E . -12.01 7.02 11.49
HHA HEM E . -13.19 0.95 18.87
HMA1 HEM E . -9.77 -3.42 18.67
HMA2 HEM E . -8.59 -2.28 19.41
HMA3 HEM E . -8.39 -2.79 17.69
HAA1 HEM E . -11.36 -2.17 20.22
HAA2 HEM E . -12.67 -0.98 19.98
HBA1 HEM E . -10.10 -0.07 21.10
HBA2 HEM E . -11.74 0.50 21.38
HMB1 HEM E . -5.90 -1.56 14.11
HMB2 HEM E . -7.32 -2.65 14.31
HMB3 HEM E . -6.67 -2.31 12.67
HBB1 HEM E . -7.73 -1.77 10.75
HBB2 HEM E . -6.76 -0.85 9.45
HMC1 HEM E . -8.81 5.69 10.77
HMC2 HEM E . -9.13 4.04 10.12
HMC3 HEM E . -10.33 5.35 9.89
HBC1 HEM E . -10.94 7.58 14.25
HBC2 HEM E . -11.73 8.73 13.07
HMD1 HEM E . -13.74 6.49 17.74
HMD2 HEM E . -14.31 6.25 16.04
HMD3 HEM E . -15.31 5.65 17.42
HAD1 HEM E . -15.04 4.16 19.27
HAD2 HEM E . -14.90 2.39 19.19
HBD1 HEM E . -13.07 4.32 20.54
HBD2 HEM E . -12.77 2.59 20.36
N NIO F . -8.86 2.96 16.10
C1 NIO F . -8.92 2.76 17.47
C2 NIO F . -8.09 3.47 18.34
C3 NIO F . -7.20 4.40 17.79
C4 NIO F . -7.22 4.61 16.43
C5 NIO F . -8.05 3.90 15.60
C6 NIO F . -8.25 3.31 19.78
O1 NIO F . -9.08 2.51 20.23
O2 NIO F . -7.56 3.96 20.56
H1 NIO F . -9.63 2.05 17.88
H3 NIO F . -6.52 4.96 18.41
H4 NIO F . -6.58 5.38 16.01
H5 NIO F . -8.04 4.10 14.53
#